data_4FUV
#
_entry.id   4FUV
#
_cell.length_a   61.526
_cell.length_b   120.867
_cell.length_c   112.195
_cell.angle_alpha   90.00
_cell.angle_beta   90.00
_cell.angle_gamma   90.00
#
_symmetry.space_group_name_H-M   'C 2 2 21'
#
loop_
_entity.id
_entity.type
_entity.pdbx_description
1 polymer 'porin protein associated with imipenem resistance'
2 non-polymer 'SULFATE ION'
3 non-polymer (HYDROXYETHYLOXY)TRI(ETHYLOXY)OCTANE
4 water water
#
_entity_poly.entity_id   1
_entity_poly.type   'polypeptide(L)'
_entity_poly.pdbx_seq_one_letter_code
;DEAVVHDSYAFDKNQLIPVGARAEVGTTGYGGALLWQANPYVGLALGYNGGDISWSDDVKVNGSTYDLDMDNNNVYLNAE
IRPWGASTNRWAQGLYVAAGAAYLDNDYDLTRNVDATRSFRVNNQDFIAGADGVKINGQMSYKNDIAPYLGFGFAPKINK
NWGVFGEVGAYYTGNPTVKLVSSGSAVTTGDQSLEEAVNAEARKIANDDKYKWLPVGKVGVNFFWGGHHHHHH
;
_entity_poly.pdbx_strand_id   A
#
# COMPACT_ATOMS: atom_id res chain seq x y z
N LYS A 13 33.43 -11.71 10.84
CA LYS A 13 32.23 -12.38 10.35
C LYS A 13 32.10 -12.32 8.84
N ASN A 14 31.34 -13.25 8.28
CA ASN A 14 31.16 -13.36 6.84
C ASN A 14 30.02 -12.46 6.37
N GLN A 15 30.34 -11.57 5.44
CA GLN A 15 29.38 -10.61 4.90
C GLN A 15 28.18 -11.26 4.22
N LEU A 16 28.39 -12.45 3.66
CA LEU A 16 27.34 -13.06 2.86
C LEU A 16 26.26 -13.72 3.70
N ILE A 17 26.49 -13.79 5.00
CA ILE A 17 25.60 -14.52 5.89
C ILE A 17 24.64 -13.58 6.58
N PRO A 18 23.34 -13.83 6.43
CA PRO A 18 22.35 -12.94 7.02
C PRO A 18 22.45 -12.97 8.54
N VAL A 19 22.07 -11.87 9.15
CA VAL A 19 22.10 -11.70 10.60
C VAL A 19 20.75 -12.05 11.17
N GLY A 20 19.73 -12.08 10.32
CA GLY A 20 18.40 -12.37 10.81
C GLY A 20 17.32 -12.34 9.75
N ALA A 21 16.09 -12.31 10.22
CA ALA A 21 14.94 -12.37 9.35
C ALA A 21 13.80 -11.60 10.00
N ARG A 22 12.80 -11.25 9.22
CA ARG A 22 11.67 -10.57 9.80
C ARG A 22 10.38 -11.03 9.15
N ALA A 23 9.30 -10.95 9.92
CA ALA A 23 7.95 -11.20 9.41
C ALA A 23 7.22 -9.88 9.44
N GLU A 24 6.41 -9.63 8.40
CA GLU A 24 5.77 -8.34 8.28
C GLU A 24 4.41 -8.44 7.61
N VAL A 25 3.56 -7.47 7.93
CA VAL A 25 2.25 -7.33 7.35
C VAL A 25 2.07 -5.85 7.03
N GLY A 26 1.59 -5.55 5.83
CA GLY A 26 1.38 -4.17 5.46
C GLY A 26 0.49 -3.98 4.25
N THR A 27 0.50 -2.76 3.73
CA THR A 27 -0.44 -2.39 2.66
C THR A 27 -0.11 -3.03 1.30
N THR A 28 1.09 -3.57 1.16
CA THR A 28 1.44 -4.31 -0.06
C THR A 28 1.48 -5.82 0.20
N GLY A 29 0.80 -6.26 1.24
CA GLY A 29 0.70 -7.67 1.56
C GLY A 29 1.52 -8.05 2.76
N TYR A 30 1.58 -9.35 3.01
CA TYR A 30 2.31 -9.90 4.12
C TYR A 30 3.42 -10.82 3.62
N GLY A 31 4.40 -11.05 4.48
CA GLY A 31 5.51 -11.92 4.14
C GLY A 31 6.65 -11.63 5.08
N GLY A 32 7.84 -11.45 4.52
CA GLY A 32 8.99 -11.10 5.33
C GLY A 32 10.24 -10.95 4.51
N ALA A 33 11.38 -10.88 5.19
CA ALA A 33 12.65 -10.62 4.53
C ALA A 33 13.80 -11.29 5.26
N LEU A 34 14.88 -11.55 4.52
CA LEU A 34 16.16 -11.96 5.10
C LEU A 34 16.94 -10.68 5.26
N LEU A 35 17.76 -10.59 6.31
CA LEU A 35 18.46 -9.33 6.64
C LEU A 35 19.96 -9.57 6.73
N TRP A 36 20.74 -8.70 6.07
CA TRP A 36 22.19 -8.71 6.19
C TRP A 36 22.61 -7.39 6.80
N GLN A 37 23.70 -7.41 7.58
CA GLN A 37 24.26 -6.18 8.15
CA GLN A 37 24.27 -6.21 8.16
C GLN A 37 25.74 -6.11 7.75
N ALA A 38 26.09 -5.11 6.94
CA ALA A 38 27.46 -4.97 6.47
C ALA A 38 28.33 -4.31 7.54
N ASN A 39 27.74 -3.35 8.23
CA ASN A 39 28.37 -2.70 9.39
C ASN A 39 27.21 -2.08 10.20
N PRO A 40 27.49 -1.43 11.35
CA PRO A 40 26.33 -0.94 12.11
C PRO A 40 25.45 0.07 11.37
N TYR A 41 25.98 0.70 10.33
CA TYR A 41 25.28 1.77 9.62
C TYR A 41 24.55 1.30 8.35
N VAL A 42 25.02 0.20 7.76
CA VAL A 42 24.53 -0.20 6.45
C VAL A 42 24.11 -1.66 6.42
N GLY A 43 22.84 -1.86 6.06
CA GLY A 43 22.30 -3.20 6.02
C GLY A 43 21.46 -3.39 4.78
N LEU A 44 20.96 -4.60 4.63
CA LEU A 44 20.26 -5.01 3.42
C LEU A 44 19.08 -5.90 3.80
N ALA A 45 17.94 -5.67 3.15
CA ALA A 45 16.75 -6.50 3.33
C ALA A 45 16.24 -7.03 2.00
N LEU A 46 16.10 -8.35 1.92
CA LEU A 46 15.54 -8.99 0.74
C LEU A 46 14.26 -9.67 1.15
N GLY A 47 13.13 -9.21 0.60
CA GLY A 47 11.85 -9.63 1.09
C GLY A 47 10.81 -10.00 0.05
N TYR A 48 9.76 -10.66 0.52
CA TYR A 48 8.59 -10.94 -0.29
C TYR A 48 7.36 -10.49 0.45
N ASN A 49 6.48 -9.80 -0.26
CA ASN A 49 5.17 -9.45 0.26
C ASN A 49 4.15 -9.96 -0.75
N GLY A 50 3.25 -10.78 -0.29
CA GLY A 50 2.25 -11.36 -1.17
C GLY A 50 1.00 -11.64 -0.40
N GLY A 51 0.23 -12.60 -0.89
CA GLY A 51 -1.04 -12.95 -0.29
C GLY A 51 -2.16 -12.29 -1.06
N ASP A 52 -3.38 -12.44 -0.53
CA ASP A 52 -4.53 -11.71 -1.05
C ASP A 52 -5.69 -11.74 -0.06
N ILE A 53 -6.15 -10.55 0.33
CA ILE A 53 -7.21 -10.42 1.31
C ILE A 53 -8.51 -9.88 0.71
N SER A 54 -9.63 -10.24 1.33
CA SER A 54 -10.93 -9.73 0.94
C SER A 54 -11.64 -9.13 2.15
N TRP A 55 -11.59 -7.80 2.25
CA TRP A 55 -12.31 -7.07 3.27
C TRP A 55 -13.68 -6.67 2.74
N SER A 56 -14.67 -7.52 2.93
CA SER A 56 -16.03 -7.16 2.57
C SER A 56 -16.78 -6.80 3.83
N ASP A 57 -16.76 -5.52 4.19
CA ASP A 57 -17.50 -5.11 5.38
C ASP A 57 -18.97 -4.81 5.12
N ASP A 58 -19.63 -4.30 6.15
CA ASP A 58 -21.07 -4.35 6.26
C ASP A 58 -21.49 -3.20 7.14
N VAL A 59 -20.50 -2.62 7.82
CA VAL A 59 -20.67 -1.39 8.56
C VAL A 59 -20.97 -0.29 7.56
N LYS A 60 -22.17 0.26 7.62
CA LYS A 60 -22.56 1.34 6.73
C LYS A 60 -21.90 2.63 7.14
N VAL A 61 -21.25 3.27 6.18
CA VAL A 61 -20.79 4.63 6.36
C VAL A 61 -21.61 5.56 5.48
N ASN A 62 -22.53 6.27 6.09
CA ASN A 62 -23.30 7.29 5.40
C ASN A 62 -24.07 6.70 4.22
N GLY A 63 -24.63 5.50 4.41
CA GLY A 63 -25.43 4.86 3.38
C GLY A 63 -24.62 4.11 2.34
N SER A 64 -23.30 4.11 2.48
CA SER A 64 -22.45 3.33 1.57
C SER A 64 -21.78 2.16 2.28
N THR A 65 -21.58 1.10 1.51
CA THR A 65 -20.84 -0.06 1.94
C THR A 65 -19.66 -0.23 0.99
N TYR A 66 -18.51 -0.63 1.54
CA TYR A 66 -17.33 -0.86 0.71
C TYR A 66 -16.88 -2.31 0.79
N ASP A 67 -16.38 -2.82 -0.34
CA ASP A 67 -15.81 -4.16 -0.42
C ASP A 67 -14.44 -4.04 -1.08
N LEU A 68 -13.41 -4.55 -0.42
CA LEU A 68 -12.04 -4.44 -0.93
C LEU A 68 -11.39 -5.81 -1.16
N ASP A 69 -10.95 -6.05 -2.38
CA ASP A 69 -10.09 -7.18 -2.68
C ASP A 69 -8.71 -6.67 -3.05
N MET A 70 -7.69 -7.39 -2.61
CA MET A 70 -6.32 -6.98 -2.89
C MET A 70 -5.45 -8.21 -3.09
N ASP A 71 -4.71 -8.23 -4.19
N ASP A 71 -4.67 -8.22 -4.16
CA ASP A 71 -3.76 -9.30 -4.47
CA ASP A 71 -3.76 -9.32 -4.44
C ASP A 71 -2.38 -8.66 -4.54
C ASP A 71 -2.36 -8.75 -4.65
N ASN A 72 -1.39 -9.29 -3.91
CA ASN A 72 -0.02 -8.78 -3.97
C ASN A 72 0.99 -9.87 -4.32
N ASN A 73 2.07 -9.46 -4.99
CA ASN A 73 3.12 -10.38 -5.40
C ASN A 73 4.37 -9.57 -5.66
N ASN A 74 5.02 -9.16 -4.58
CA ASN A 74 6.13 -8.22 -4.64
C ASN A 74 7.41 -8.84 -4.08
N VAL A 75 8.52 -8.59 -4.78
CA VAL A 75 9.86 -8.94 -4.28
C VAL A 75 10.67 -7.67 -4.17
N TYR A 76 11.31 -7.45 -3.02
CA TYR A 76 12.06 -6.21 -2.85
C TYR A 76 13.47 -6.38 -2.29
N LEU A 77 14.34 -5.47 -2.69
CA LEU A 77 15.68 -5.43 -2.13
C LEU A 77 15.97 -4.00 -1.68
N ASN A 78 16.14 -3.82 -0.37
CA ASN A 78 16.44 -2.49 0.17
C ASN A 78 17.77 -2.43 0.90
N ALA A 79 18.48 -1.34 0.69
CA ALA A 79 19.54 -0.93 1.61
C ALA A 79 18.88 -0.21 2.79
N GLU A 80 19.34 -0.49 4.00
CA GLU A 80 18.88 0.26 5.17
C GLU A 80 20.04 1.02 5.81
N ILE A 81 19.88 2.32 5.93
CA ILE A 81 20.93 3.17 6.48
C ILE A 81 20.51 3.70 7.84
N ARG A 82 21.32 3.38 8.85
CA ARG A 82 21.05 3.79 10.22
C ARG A 82 22.04 4.86 10.65
N PRO A 83 21.61 6.14 10.66
CA PRO A 83 22.53 7.24 11.00
C PRO A 83 23.11 7.08 12.41
N TRP A 84 22.38 6.41 13.30
CA TRP A 84 22.86 6.18 14.65
C TRP A 84 23.07 4.68 14.92
N GLY A 85 23.56 3.99 13.89
CA GLY A 85 23.66 2.55 13.90
C GLY A 85 24.53 1.93 14.98
N ALA A 86 25.51 2.68 15.47
CA ALA A 86 26.45 2.14 16.46
C ALA A 86 26.02 2.47 17.88
N SER A 87 24.89 3.17 18.00
CA SER A 87 24.36 3.53 19.32
C SER A 87 23.83 2.32 20.08
N THR A 88 23.98 2.32 21.40
CA THR A 88 23.39 1.29 22.23
C THR A 88 21.99 1.73 22.63
N ASN A 89 21.64 2.97 22.31
CA ASN A 89 20.29 3.42 22.60
C ASN A 89 19.36 2.76 21.60
N ARG A 90 18.31 2.10 22.10
CA ARG A 90 17.48 1.25 21.26
C ARG A 90 16.62 2.07 20.29
N TRP A 91 16.18 3.25 20.71
CA TRP A 91 15.41 4.10 19.80
C TRP A 91 16.29 4.61 18.67
N ALA A 92 17.47 5.13 19.03
CA ALA A 92 18.40 5.66 18.03
C ALA A 92 18.87 4.61 17.03
N GLN A 93 19.25 3.43 17.51
CA GLN A 93 19.74 2.35 16.64
C GLN A 93 18.66 1.86 15.67
N GLY A 94 17.42 1.96 16.10
CA GLY A 94 16.29 1.47 15.31
C GLY A 94 15.85 2.36 14.16
N LEU A 95 16.35 3.59 14.13
CA LEU A 95 15.92 4.52 13.07
C LEU A 95 16.71 4.32 11.75
N TYR A 96 15.99 4.17 10.64
CA TYR A 96 16.69 3.95 9.38
C TYR A 96 15.99 4.55 8.16
N VAL A 97 16.78 4.83 7.13
CA VAL A 97 16.22 5.17 5.83
C VAL A 97 16.45 3.98 4.91
N ALA A 98 15.40 3.59 4.21
CA ALA A 98 15.40 2.48 3.25
C ALA A 98 15.43 3.03 1.82
N ALA A 99 16.33 2.49 1.02
CA ALA A 99 16.38 2.84 -0.38
C ALA A 99 16.65 1.56 -1.16
N GLY A 100 15.88 1.35 -2.21
CA GLY A 100 16.06 0.13 -3.00
C GLY A 100 15.10 0.05 -4.15
N ALA A 101 14.69 -1.18 -4.45
CA ALA A 101 13.82 -1.40 -5.59
C ALA A 101 13.01 -2.67 -5.46
N ALA A 102 11.98 -2.78 -6.27
CA ALA A 102 11.17 -3.96 -6.18
C ALA A 102 10.53 -4.33 -7.49
N TYR A 103 10.28 -5.63 -7.63
CA TYR A 103 9.34 -6.13 -8.60
C TYR A 103 7.98 -5.99 -7.94
N LEU A 104 7.04 -5.35 -8.62
CA LEU A 104 5.72 -5.10 -8.06
C LEU A 104 4.62 -5.73 -8.89
N ASP A 105 3.60 -6.27 -8.23
CA ASP A 105 2.40 -6.76 -8.90
C ASP A 105 1.29 -6.70 -7.88
N ASN A 106 0.47 -5.65 -7.96
CA ASN A 106 -0.58 -5.40 -6.97
C ASN A 106 -1.91 -5.08 -7.65
N ASP A 107 -2.93 -5.87 -7.35
CA ASP A 107 -4.27 -5.59 -7.86
C ASP A 107 -5.19 -5.17 -6.74
N TYR A 108 -5.87 -4.05 -6.95
CA TYR A 108 -6.91 -3.59 -6.05
C TYR A 108 -8.27 -3.64 -6.78
N ASP A 109 -9.29 -4.14 -6.10
CA ASP A 109 -10.64 -4.16 -6.63
C ASP A 109 -11.60 -3.66 -5.55
N LEU A 110 -11.93 -2.36 -5.62
CA LEU A 110 -12.77 -1.71 -4.63
C LEU A 110 -14.19 -1.48 -5.16
N THR A 111 -15.20 -1.87 -4.38
CA THR A 111 -16.59 -1.69 -4.77
C THR A 111 -17.36 -0.89 -3.73
N ARG A 112 -17.95 0.22 -4.14
CA ARG A 112 -18.81 1.00 -3.25
C ARG A 112 -20.28 0.76 -3.58
N ASN A 113 -21.03 0.30 -2.60
CA ASN A 113 -22.47 0.11 -2.75
C ASN A 113 -23.24 1.22 -2.05
N VAL A 114 -23.95 2.03 -2.82
CA VAL A 114 -24.67 3.16 -2.27
C VAL A 114 -26.15 2.83 -2.09
N ASP A 115 -26.66 2.92 -0.87
CA ASP A 115 -28.08 2.68 -0.60
C ASP A 115 -28.94 3.63 -1.42
N ALA A 116 -30.12 3.15 -1.78
CA ALA A 116 -31.15 3.96 -2.40
C ALA A 116 -31.39 5.25 -1.61
N THR A 117 -31.51 6.37 -2.34
CA THR A 117 -31.79 7.72 -1.82
C THR A 117 -30.62 8.40 -1.11
N ARG A 118 -29.47 7.75 -1.02
CA ARG A 118 -28.35 8.35 -0.29
C ARG A 118 -27.40 9.12 -1.19
N SER A 119 -26.83 10.19 -0.65
CA SER A 119 -25.85 10.97 -1.39
C SER A 119 -24.46 10.32 -1.35
N PHE A 120 -23.69 10.61 -2.39
CA PHE A 120 -22.33 10.13 -2.51
C PHE A 120 -21.67 11.09 -3.49
N ARG A 121 -20.34 11.10 -3.50
CA ARG A 121 -19.58 12.12 -4.24
C ARG A 121 -18.64 11.45 -5.22
N VAL A 122 -18.63 11.92 -6.47
CA VAL A 122 -17.74 11.37 -7.49
C VAL A 122 -17.08 12.51 -8.24
N ASN A 123 -15.75 12.51 -8.29
CA ASN A 123 -15.00 13.60 -8.94
C ASN A 123 -15.44 14.98 -8.45
N ASN A 124 -15.60 15.13 -7.14
CA ASN A 124 -15.95 16.43 -6.53
C ASN A 124 -17.33 16.94 -6.90
N GLN A 125 -18.20 16.01 -7.28
CA GLN A 125 -19.59 16.34 -7.57
C GLN A 125 -20.49 15.44 -6.74
N ASP A 126 -21.53 16.02 -6.17
CA ASP A 126 -22.48 15.27 -5.36
C ASP A 126 -23.55 14.63 -6.23
N PHE A 127 -23.90 13.39 -5.90
CA PHE A 127 -24.95 12.63 -6.56
C PHE A 127 -25.83 11.99 -5.50
N ILE A 128 -27.06 11.67 -5.85
CA ILE A 128 -27.94 10.93 -4.96
C ILE A 128 -28.49 9.71 -5.68
N ALA A 129 -28.24 8.53 -5.12
CA ALA A 129 -28.64 7.27 -5.74
C ALA A 129 -30.15 7.14 -5.88
N GLY A 130 -30.59 6.63 -7.02
CA GLY A 130 -32.01 6.39 -7.25
C GLY A 130 -32.55 5.22 -6.45
N ALA A 131 -33.83 4.91 -6.69
CA ALA A 131 -34.55 3.88 -5.94
C ALA A 131 -33.89 2.51 -5.94
N ASP A 132 -33.10 2.21 -6.95
CA ASP A 132 -32.48 0.89 -7.06
C ASP A 132 -31.04 0.89 -6.58
N GLY A 133 -30.58 2.01 -6.05
CA GLY A 133 -29.22 2.10 -5.54
C GLY A 133 -28.18 2.29 -6.60
N VAL A 134 -26.93 2.47 -6.18
CA VAL A 134 -25.83 2.64 -7.11
C VAL A 134 -24.63 1.84 -6.65
N LYS A 135 -23.96 1.21 -7.61
CA LYS A 135 -22.77 0.42 -7.38
C LYS A 135 -21.64 1.13 -8.13
N ILE A 136 -20.50 1.30 -7.49
CA ILE A 136 -19.33 1.79 -8.21
C ILE A 136 -18.17 0.82 -8.02
N ASN A 137 -17.68 0.26 -9.12
CA ASN A 137 -16.55 -0.65 -9.05
C ASN A 137 -15.26 -0.09 -9.65
N GLY A 138 -14.16 -0.24 -8.93
CA GLY A 138 -12.86 0.20 -9.40
C GLY A 138 -11.81 -0.90 -9.37
N GLN A 139 -11.15 -1.12 -10.50
CA GLN A 139 -10.03 -2.04 -10.57
C GLN A 139 -8.78 -1.24 -10.92
N MET A 140 -7.71 -1.53 -10.21
CA MET A 140 -6.50 -0.74 -10.29
C MET A 140 -5.30 -1.63 -10.06
N SER A 141 -4.38 -1.67 -11.01
CA SER A 141 -3.25 -2.57 -10.90
C SER A 141 -1.91 -1.87 -11.05
N TYR A 142 -1.02 -2.15 -10.12
CA TYR A 142 0.36 -1.68 -10.20
C TYR A 142 1.23 -2.86 -10.60
N LYS A 143 1.85 -2.76 -11.77
CA LYS A 143 2.75 -3.80 -12.22
C LYS A 143 4.03 -3.18 -12.77
N ASN A 144 5.17 -3.56 -12.19
CA ASN A 144 6.46 -2.98 -12.56
C ASN A 144 7.54 -4.05 -12.45
N ASP A 145 8.35 -4.20 -13.50
CA ASP A 145 9.43 -5.18 -13.44
C ASP A 145 10.41 -4.74 -12.35
N ILE A 146 10.65 -3.44 -12.30
CA ILE A 146 11.51 -2.86 -11.28
C ILE A 146 11.10 -1.41 -11.00
N ALA A 147 10.77 -1.13 -9.74
CA ALA A 147 10.38 0.21 -9.30
C ALA A 147 11.28 0.64 -8.14
N PRO A 148 11.82 1.86 -8.21
CA PRO A 148 12.66 2.39 -7.12
C PRO A 148 11.79 2.62 -5.90
N TYR A 149 12.40 2.52 -4.73
CA TYR A 149 11.71 2.65 -3.46
C TYR A 149 12.51 3.56 -2.53
N LEU A 150 11.80 4.37 -1.76
CA LEU A 150 12.41 5.15 -0.69
C LEU A 150 11.48 5.06 0.50
N GLY A 151 12.02 4.86 1.69
CA GLY A 151 11.17 4.76 2.86
C GLY A 151 11.94 5.07 4.11
N PHE A 152 11.22 5.14 5.23
CA PHE A 152 11.85 5.41 6.51
C PHE A 152 11.29 4.44 7.54
N GLY A 153 12.15 3.89 8.38
CA GLY A 153 11.74 2.85 9.31
C GLY A 153 12.16 3.10 10.74
N PHE A 154 11.45 2.44 11.64
CA PHE A 154 11.73 2.50 13.07
C PHE A 154 11.69 1.08 13.63
N ALA A 155 12.84 0.54 13.95
CA ALA A 155 12.93 -0.87 14.33
C ALA A 155 13.58 -1.13 15.69
N PRO A 156 12.96 -0.64 16.78
CA PRO A 156 13.61 -0.83 18.08
C PRO A 156 13.77 -2.30 18.45
N LYS A 157 14.95 -2.65 18.94
CA LYS A 157 15.22 -4.00 19.45
C LYS A 157 14.74 -4.11 20.89
N ILE A 158 14.10 -5.22 21.22
CA ILE A 158 13.66 -5.46 22.58
C ILE A 158 14.81 -6.06 23.37
N ASN A 159 15.54 -6.94 22.71
CA ASN A 159 16.87 -7.34 23.15
C ASN A 159 17.71 -7.70 21.92
N LYS A 160 18.87 -8.31 22.16
CA LYS A 160 19.79 -8.64 21.08
C LYS A 160 19.21 -9.65 20.08
N ASN A 161 18.20 -10.40 20.50
CA ASN A 161 17.62 -11.45 19.66
C ASN A 161 16.35 -11.06 18.89
N TRP A 162 15.59 -10.08 19.38
CA TRP A 162 14.37 -9.72 18.67
C TRP A 162 13.89 -8.28 18.87
N GLY A 163 12.97 -7.85 18.02
CA GLY A 163 12.43 -6.51 18.09
C GLY A 163 11.21 -6.36 17.19
N VAL A 164 10.64 -5.17 17.19
CA VAL A 164 9.49 -4.86 16.36
C VAL A 164 9.80 -3.66 15.48
N PHE A 165 9.07 -3.50 14.38
CA PHE A 165 9.32 -2.35 13.52
C PHE A 165 8.08 -1.85 12.81
N GLY A 166 8.17 -0.62 12.30
CA GLY A 166 7.20 -0.09 11.36
C GLY A 166 8.00 0.55 10.24
N GLU A 167 7.43 0.61 9.05
CA GLU A 167 8.12 1.25 7.93
C GLU A 167 7.12 1.91 7.02
N VAL A 168 7.45 3.12 6.59
CA VAL A 168 6.60 3.83 5.64
C VAL A 168 7.47 4.34 4.49
N GLY A 169 6.99 4.16 3.27
CA GLY A 169 7.70 4.68 2.11
C GLY A 169 6.81 4.74 0.88
N ALA A 170 7.45 4.72 -0.28
CA ALA A 170 6.69 4.71 -1.53
C ALA A 170 7.54 4.21 -2.68
N TYR A 171 6.90 3.48 -3.59
CA TYR A 171 7.53 3.05 -4.82
C TYR A 171 7.16 4.06 -5.90
N TYR A 172 8.12 4.43 -6.73
CA TYR A 172 7.80 5.21 -7.91
C TYR A 172 7.41 4.22 -9.00
N THR A 173 6.11 4.14 -9.26
CA THR A 173 5.55 3.14 -10.16
C THR A 173 5.01 3.73 -11.46
N GLY A 174 4.80 5.03 -11.49
CA GLY A 174 4.01 5.63 -12.55
C GLY A 174 2.54 5.32 -12.26
N ASN A 175 1.62 5.96 -12.98
CA ASN A 175 0.21 5.68 -12.77
C ASN A 175 -0.14 4.22 -13.02
N PRO A 176 -1.05 3.67 -12.20
CA PRO A 176 -1.49 2.28 -12.36
C PRO A 176 -2.43 2.16 -13.54
N THR A 177 -2.71 0.92 -13.94
CA THR A 177 -3.79 0.66 -14.88
C THR A 177 -5.08 0.78 -14.09
N VAL A 178 -6.12 1.33 -14.69
CA VAL A 178 -7.33 1.61 -13.94
C VAL A 178 -8.58 1.41 -14.79
N LYS A 179 -9.61 0.85 -14.16
CA LYS A 179 -10.91 0.61 -14.79
C LYS A 179 -11.95 0.90 -13.72
N LEU A 180 -12.77 1.90 -13.98
CA LEU A 180 -13.82 2.31 -13.07
C LEU A 180 -15.14 2.20 -13.83
N VAL A 181 -16.16 1.65 -13.19
CA VAL A 181 -17.48 1.50 -13.82
C VAL A 181 -18.56 1.65 -12.75
N SER A 182 -19.67 2.29 -13.11
CA SER A 182 -20.79 2.43 -12.20
C SER A 182 -21.99 1.72 -12.79
N SER A 183 -22.90 1.29 -11.94
CA SER A 183 -24.19 0.81 -12.36
C SER A 183 -25.24 1.47 -11.49
N GLY A 184 -26.43 1.67 -12.06
CA GLY A 184 -27.52 2.33 -11.36
C GLY A 184 -27.67 3.77 -11.80
N SER A 185 -28.75 4.41 -11.36
CA SER A 185 -29.00 5.78 -11.76
CA SER A 185 -29.03 5.77 -11.76
C SER A 185 -28.93 6.69 -10.56
N ALA A 186 -28.64 7.96 -10.82
CA ALA A 186 -28.51 8.95 -9.77
C ALA A 186 -28.98 10.31 -10.26
N VAL A 187 -29.47 11.13 -9.34
CA VAL A 187 -29.81 12.51 -9.69
C VAL A 187 -28.68 13.43 -9.24
N THR A 188 -28.62 14.62 -9.83
CA THR A 188 -27.52 15.54 -9.54
C THR A 188 -27.88 16.93 -10.07
N THR A 189 -27.15 17.97 -9.67
CA THR A 189 -27.35 19.27 -10.29
C THR A 189 -26.03 19.81 -10.79
N GLY A 190 -24.99 19.00 -10.69
CA GLY A 190 -23.69 19.42 -11.14
C GLY A 190 -23.53 19.29 -12.64
N ASP A 191 -22.33 19.64 -13.11
CA ASP A 191 -22.05 19.70 -14.54
C ASP A 191 -21.99 18.34 -15.24
N GLN A 192 -21.52 17.33 -14.51
CA GLN A 192 -21.27 16.01 -15.08
C GLN A 192 -22.38 15.04 -14.79
N SER A 193 -22.63 14.14 -15.73
CA SER A 193 -23.45 12.97 -15.45
C SER A 193 -22.61 12.01 -14.62
N LEU A 194 -23.28 11.05 -13.98
CA LEU A 194 -22.59 10.04 -13.19
C LEU A 194 -21.50 9.33 -14.00
N GLU A 195 -21.83 8.93 -15.23
CA GLU A 195 -20.90 8.22 -16.10
C GLU A 195 -19.63 9.04 -16.37
N GLU A 196 -19.81 10.33 -16.60
CA GLU A 196 -18.68 11.21 -16.89
C GLU A 196 -17.86 11.48 -15.65
N ALA A 197 -18.53 11.62 -14.53
CA ALA A 197 -17.84 11.84 -13.27
C ALA A 197 -16.97 10.61 -12.97
N VAL A 198 -17.53 9.42 -13.17
CA VAL A 198 -16.78 8.18 -12.94
C VAL A 198 -15.52 8.07 -13.82
N ASN A 199 -15.70 8.29 -15.12
CA ASN A 199 -14.60 8.37 -16.09
C ASN A 199 -13.60 9.48 -15.81
N ALA A 200 -14.08 10.59 -15.25
CA ALA A 200 -13.18 11.67 -14.86
C ALA A 200 -12.25 11.17 -13.78
N GLU A 201 -12.81 10.44 -12.82
CA GLU A 201 -12.02 9.88 -11.72
C GLU A 201 -11.04 8.81 -12.20
N ALA A 202 -11.46 7.98 -13.13
CA ALA A 202 -10.55 7.02 -13.74
C ALA A 202 -9.39 7.77 -14.38
N ARG A 203 -9.70 8.85 -15.10
CA ARG A 203 -8.67 9.62 -15.77
C ARG A 203 -7.67 10.26 -14.80
N LYS A 204 -8.15 10.76 -13.67
CA LYS A 204 -7.24 11.34 -12.67
C LYS A 204 -6.26 10.31 -12.18
N ILE A 205 -6.76 9.12 -11.90
CA ILE A 205 -5.91 8.06 -11.38
C ILE A 205 -4.90 7.62 -12.44
N ALA A 206 -5.32 7.62 -13.70
CA ALA A 206 -4.44 7.19 -14.77
C ALA A 206 -3.40 8.25 -15.12
N ASN A 207 -3.59 9.49 -14.63
CA ASN A 207 -2.80 10.62 -15.11
C ASN A 207 -2.20 11.60 -14.08
N ASP A 208 -2.85 11.77 -12.93
CA ASP A 208 -2.35 12.75 -11.96
C ASP A 208 -1.03 12.32 -11.30
N ASP A 209 -0.21 13.31 -10.97
CA ASP A 209 1.10 13.12 -10.36
C ASP A 209 0.99 12.28 -9.09
N LYS A 210 -0.01 12.62 -8.28
CA LYS A 210 -0.31 11.99 -7.01
C LYS A 210 -0.33 10.46 -7.12
N TYR A 211 -0.77 9.94 -8.26
CA TYR A 211 -0.91 8.50 -8.41
C TYR A 211 0.30 7.82 -9.06
N LYS A 212 1.38 8.56 -9.22
CA LYS A 212 2.59 7.97 -9.80
C LYS A 212 3.45 7.26 -8.76
N TRP A 213 3.01 7.33 -7.50
CA TRP A 213 3.69 6.68 -6.37
C TRP A 213 2.74 5.70 -5.70
N LEU A 214 3.26 4.54 -5.34
CA LEU A 214 2.51 3.60 -4.52
C LEU A 214 3.04 3.70 -3.09
N PRO A 215 2.23 4.27 -2.18
CA PRO A 215 2.63 4.44 -0.78
C PRO A 215 2.59 3.10 -0.06
N VAL A 216 3.45 2.92 0.93
CA VAL A 216 3.55 1.65 1.64
C VAL A 216 3.63 1.87 3.14
N GLY A 217 2.84 1.10 3.89
CA GLY A 217 2.98 1.05 5.33
C GLY A 217 3.04 -0.40 5.76
N LYS A 218 4.02 -0.74 6.59
CA LYS A 218 4.13 -2.11 7.10
C LYS A 218 4.59 -2.13 8.56
N VAL A 219 4.21 -3.19 9.28
CA VAL A 219 4.71 -3.44 10.62
C VAL A 219 5.16 -4.90 10.70
N GLY A 220 5.94 -5.24 11.72
CA GLY A 220 6.44 -6.60 11.84
C GLY A 220 7.38 -6.89 13.00
N VAL A 221 7.96 -8.08 12.97
CA VAL A 221 8.83 -8.53 14.03
C VAL A 221 10.16 -8.94 13.43
N ASN A 222 11.25 -8.49 14.05
CA ASN A 222 12.60 -8.83 13.63
C ASN A 222 13.14 -9.95 14.53
N PHE A 223 13.80 -10.92 13.92
CA PHE A 223 14.45 -11.99 14.67
C PHE A 223 15.94 -11.99 14.35
N PHE A 224 16.78 -12.09 15.38
CA PHE A 224 18.22 -12.12 15.17
C PHE A 224 18.85 -13.35 15.79
N TRP A 225 19.64 -14.06 15.00
CA TRP A 225 20.37 -15.21 15.50
C TRP A 225 21.83 -14.85 15.81
#